data_3GEH
#
_entry.id   3GEH
#
_cell.length_a   124.279
_cell.length_b   124.279
_cell.length_c   174.701
_cell.angle_alpha   90.00
_cell.angle_beta   90.00
_cell.angle_gamma   90.00
#
_symmetry.space_group_name_H-M   'P 43 21 2'
#
loop_
_entity.id
_entity.type
_entity.pdbx_description
1 polymer 'tRNA modification GTPase mnmE'
2 non-polymer "GUANOSINE-5'-DIPHOSPHATE"
3 non-polymer 'N-{[4-({[(6R)-2-amino-5-formyl-4-oxo-1,4,5,6,7,8-hexahydropteridin-6-yl]methyl}amino)phenyl]carbonyl}-L-glutamic acid'
4 non-polymer 'ZINC ION'
#
_entity_poly.entity_id   1
_entity_poly.type   'polypeptide(L)'
_entity_poly.pdbx_seq_one_letter_code
;GSHMAITGTIAAIATAIVPQQGSVGIVRVSGSQAIAIAQTLFDAPGKQVWESHRILYGYIRHPQTRQIVDEALLLLMKAP
RSYTREDVVEFHCHGGIIAVQQVLQLCLESGARLAQPGEFTLRAFLNGRLDLTQAESIADLVGARSPQAAQTALAGLQGK
LAHPIRQLRANCLDILAEIEARIDFEEDLPPLDDEAIISDIENIAAEISQLLATKDKGELLRTGLKVAIVGRPNVGKSSL
LNAWSQSDRAIVTDLPGTTRDVVESQLVVGGIPVQVLDTAGIRETSDQVEKIGVERSRQAANTADLVLLTIDAATGWTTG
DQEIYEQVKHRPLILVMNKIDLVEKQLITSLEYPENITQIVHTAAAQKQGIDSLETAILEIVQTGKVQAADMDLAINQRQ
AAALTQAKMSLEQVQATITQQLPLDFWTIDLRGAIQALGEITGEEVTESVLDRIFSRFCIGK
;
_entity_poly.pdbx_strand_id   A
#
# COMPACT_ATOMS: atom_id res chain seq x y z
N GLY A 1 -18.09 -12.45 18.12
CA GLY A 1 -18.21 -11.11 18.77
C GLY A 1 -16.89 -10.56 19.31
N SER A 2 -16.38 -9.52 18.64
CA SER A 2 -15.17 -8.77 19.05
C SER A 2 -13.83 -9.50 18.99
N HIS A 3 -12.98 -9.01 18.08
CA HIS A 3 -11.59 -9.40 17.97
C HIS A 3 -10.80 -8.60 19.00
N MET A 4 -9.67 -8.00 18.63
CA MET A 4 -8.94 -7.13 19.56
C MET A 4 -8.39 -7.90 20.77
N ALA A 5 -8.62 -9.21 20.78
CA ALA A 5 -8.21 -10.07 21.88
C ALA A 5 -7.84 -11.46 21.38
N ILE A 6 -6.58 -11.84 21.59
CA ILE A 6 -6.01 -13.09 21.08
C ILE A 6 -6.41 -14.29 21.93
N THR A 7 -7.13 -15.24 21.34
CA THR A 7 -7.57 -16.40 22.11
C THR A 7 -7.07 -17.75 21.59
N GLY A 8 -7.13 -17.96 20.28
CA GLY A 8 -6.79 -19.27 19.73
C GLY A 8 -5.36 -19.45 19.27
N THR A 9 -5.17 -20.38 18.35
CA THR A 9 -3.92 -20.54 17.59
C THR A 9 -4.29 -20.60 16.12
N ILE A 10 -3.68 -19.73 15.31
CA ILE A 10 -4.08 -19.56 13.92
C ILE A 10 -3.07 -20.09 12.89
N ALA A 11 -3.58 -20.57 11.76
CA ALA A 11 -2.76 -21.08 10.65
C ALA A 11 -3.29 -20.66 9.28
N ALA A 12 -2.37 -20.36 8.37
CA ALA A 12 -2.72 -20.07 6.96
C ALA A 12 -1.53 -20.33 6.03
N ILE A 13 -1.80 -20.36 4.73
CA ILE A 13 -0.76 -20.48 3.71
C ILE A 13 -0.10 -19.11 3.47
N ALA A 14 1.21 -19.04 3.68
CA ALA A 14 1.93 -17.76 3.74
C ALA A 14 2.51 -17.29 2.41
N THR A 15 2.49 -18.14 1.39
CA THR A 15 3.04 -17.79 0.09
C THR A 15 1.96 -17.87 -0.98
N ALA A 16 2.21 -17.19 -2.10
CA ALA A 16 1.41 -17.37 -3.30
C ALA A 16 1.53 -18.82 -3.75
N ILE A 17 0.46 -19.36 -4.33
CA ILE A 17 0.44 -20.75 -4.75
C ILE A 17 -0.32 -20.92 -6.08
N VAL A 18 0.40 -21.34 -7.11
CA VAL A 18 -0.19 -21.63 -8.43
C VAL A 18 0.17 -23.06 -8.89
N PRO A 19 -0.71 -23.70 -9.67
CA PRO A 19 -0.72 -25.15 -9.93
C PRO A 19 0.59 -25.83 -10.30
N GLN A 20 1.35 -25.29 -11.24
CA GLN A 20 2.62 -25.95 -11.60
C GLN A 20 3.79 -24.98 -11.62
N GLN A 21 3.88 -24.14 -10.59
CA GLN A 21 4.91 -23.09 -10.50
C GLN A 21 5.35 -22.88 -9.07
N GLY A 22 6.61 -22.49 -8.88
CA GLY A 22 7.13 -22.20 -7.55
C GLY A 22 7.61 -23.42 -6.77
N SER A 23 8.90 -23.43 -6.44
CA SER A 23 9.53 -24.56 -5.79
C SER A 23 8.98 -24.86 -4.41
N VAL A 24 8.66 -23.82 -3.65
CA VAL A 24 8.23 -24.01 -2.26
C VAL A 24 6.98 -23.20 -1.86
N GLY A 25 6.28 -23.70 -0.86
CA GLY A 25 5.13 -23.00 -0.29
C GLY A 25 5.07 -23.18 1.22
N ILE A 26 4.86 -22.07 1.93
CA ILE A 26 4.86 -22.06 3.40
C ILE A 26 3.45 -22.25 3.96
N VAL A 27 3.38 -22.85 5.15
CA VAL A 27 2.18 -22.80 6.00
C VAL A 27 2.64 -22.31 7.35
N ARG A 28 2.10 -21.17 7.78
CA ARG A 28 2.51 -20.56 9.05
C ARG A 28 1.49 -20.81 10.15
N VAL A 29 1.99 -21.17 11.33
CA VAL A 29 1.14 -21.34 12.51
C VAL A 29 1.66 -20.45 13.65
N SER A 30 0.74 -19.75 14.32
CA SER A 30 1.08 -18.87 15.43
C SER A 30 0.09 -18.99 16.58
N GLY A 31 0.60 -18.94 17.80
CA GLY A 31 -0.22 -19.11 19.00
C GLY A 31 0.39 -20.08 20.00
N SER A 32 -0.27 -20.27 21.13
CA SER A 32 0.23 -21.11 22.21
C SER A 32 0.24 -22.60 21.87
N GLN A 33 -0.41 -22.97 20.77
CA GLN A 33 -0.48 -24.36 20.31
C GLN A 33 0.52 -24.66 19.19
N ALA A 34 1.20 -23.61 18.72
CA ALA A 34 2.08 -23.69 17.55
C ALA A 34 3.11 -24.81 17.62
N ILE A 35 4.00 -24.73 18.61
CA ILE A 35 5.07 -25.72 18.77
C ILE A 35 4.54 -27.12 19.06
N ALA A 36 3.45 -27.19 19.80
CA ALA A 36 2.77 -28.47 20.06
C ALA A 36 2.32 -29.15 18.77
N ILE A 37 1.93 -28.35 17.78
CA ILE A 37 1.44 -28.87 16.51
C ILE A 37 2.61 -29.30 15.62
N ALA A 38 3.69 -28.53 15.63
CA ALA A 38 4.92 -28.94 14.95
C ALA A 38 5.43 -30.24 15.57
N GLN A 39 5.34 -30.31 16.90
CA GLN A 39 5.69 -31.48 17.69
C GLN A 39 5.03 -32.75 17.15
N THR A 40 3.70 -32.70 17.03
CA THR A 40 2.92 -33.88 16.70
C THR A 40 2.79 -34.15 15.19
N LEU A 41 3.43 -33.31 14.36
CA LEU A 41 3.31 -33.45 12.91
C LEU A 41 4.63 -33.59 12.15
N PHE A 42 5.70 -33.01 12.69
CA PHE A 42 6.99 -32.99 12.01
C PHE A 42 7.95 -34.06 12.53
N ASP A 43 8.28 -35.02 11.67
CA ASP A 43 9.23 -36.09 11.99
C ASP A 43 10.65 -35.64 11.63
N ALA A 44 11.45 -35.36 12.66
CA ALA A 44 12.82 -34.88 12.45
C ALA A 44 13.87 -35.91 12.89
N PRO A 45 14.49 -36.61 11.91
CA PRO A 45 15.41 -37.72 12.17
C PRO A 45 16.67 -37.33 12.94
N GLY A 46 17.29 -38.33 13.56
CA GLY A 46 18.63 -38.21 14.16
C GLY A 46 18.85 -37.08 15.14
N LYS A 47 17.91 -36.91 16.07
CA LYS A 47 17.98 -35.91 17.14
C LYS A 47 18.65 -34.55 16.79
N GLN A 48 17.97 -33.74 15.98
CA GLN A 48 18.38 -32.36 15.74
C GLN A 48 17.84 -31.52 16.88
N VAL A 49 18.50 -30.41 17.18
CA VAL A 49 18.12 -29.58 18.32
C VAL A 49 16.86 -28.74 18.02
N TRP A 50 15.91 -28.76 18.95
CA TRP A 50 14.64 -28.05 18.81
C TRP A 50 14.59 -26.70 19.52
N GLU A 51 15.52 -25.80 19.17
CA GLU A 51 15.56 -24.47 19.76
C GLU A 51 14.94 -23.41 18.84
N SER A 52 14.81 -22.18 19.35
CA SER A 52 14.27 -21.05 18.58
C SER A 52 15.28 -20.58 17.54
N HIS A 53 14.78 -20.14 16.39
CA HIS A 53 15.60 -19.72 15.25
C HIS A 53 16.55 -20.82 14.75
N ARG A 54 15.97 -22.01 14.59
CA ARG A 54 16.68 -23.20 14.15
C ARG A 54 15.92 -23.85 13.00
N ILE A 55 16.64 -24.16 11.91
CA ILE A 55 16.06 -24.83 10.76
C ILE A 55 16.14 -26.34 10.94
N LEU A 56 15.01 -27.03 10.73
CA LEU A 56 14.94 -28.47 10.86
C LEU A 56 14.53 -29.14 9.54
N TYR A 57 15.07 -30.32 9.32
CA TYR A 57 14.76 -31.14 8.15
C TYR A 57 13.95 -32.36 8.57
N GLY A 58 13.00 -32.77 7.73
CA GLY A 58 12.25 -33.97 8.01
C GLY A 58 11.00 -34.21 7.18
N TYR A 59 10.01 -34.85 7.79
CA TYR A 59 8.80 -35.26 7.09
C TYR A 59 7.52 -34.98 7.88
N ILE A 60 6.65 -34.15 7.31
CA ILE A 60 5.30 -33.95 7.81
C ILE A 60 4.53 -35.22 7.48
N ARG A 61 4.00 -35.91 8.48
CA ARG A 61 3.37 -37.20 8.20
C ARG A 61 1.97 -37.49 8.75
N HIS A 62 1.88 -38.06 9.95
CA HIS A 62 0.66 -38.78 10.35
C HIS A 62 -0.63 -37.93 10.31
N PRO A 63 -1.62 -38.34 9.48
CA PRO A 63 -2.98 -37.84 9.61
C PRO A 63 -3.84 -38.80 10.45
N GLN A 64 -3.21 -39.40 11.46
CA GLN A 64 -3.75 -40.51 12.30
C GLN A 64 -3.19 -41.90 11.84
N THR A 65 -2.25 -41.85 10.90
CA THR A 65 -1.60 -43.05 10.39
C THR A 65 -0.11 -42.90 10.63
N ARG A 66 0.63 -42.77 9.54
CA ARG A 66 2.02 -42.33 9.50
C ARG A 66 2.29 -41.88 8.06
N GLN A 67 1.24 -41.94 7.27
CA GLN A 67 1.24 -41.62 5.83
C GLN A 67 1.92 -40.28 5.58
N ILE A 68 3.11 -40.35 4.98
CA ILE A 68 3.93 -39.15 4.70
C ILE A 68 3.21 -38.17 3.79
N VAL A 69 3.28 -36.88 4.15
CA VAL A 69 2.61 -35.82 3.40
C VAL A 69 3.58 -34.95 2.60
N ASP A 70 4.78 -34.70 3.15
CA ASP A 70 5.83 -33.99 2.41
C ASP A 70 7.21 -34.11 3.05
N GLU A 71 8.25 -34.05 2.21
CA GLU A 71 9.61 -33.83 2.65
C GLU A 71 9.77 -32.32 2.80
N ALA A 72 9.76 -31.84 4.03
CA ALA A 72 9.69 -30.40 4.29
C ALA A 72 10.77 -29.89 5.24
N LEU A 73 10.92 -28.57 5.28
CA LEU A 73 11.75 -27.90 6.27
C LEU A 73 10.87 -27.25 7.32
N LEU A 74 11.28 -27.35 8.58
CA LEU A 74 10.56 -26.70 9.68
C LEU A 74 11.34 -25.54 10.25
N LEU A 75 10.63 -24.42 10.45
CA LEU A 75 11.20 -23.24 11.06
C LEU A 75 10.55 -22.98 12.40
N LEU A 76 11.37 -22.76 13.43
CA LEU A 76 10.89 -22.49 14.78
C LEU A 76 11.23 -21.07 15.22
N MET A 77 10.21 -20.34 15.66
CA MET A 77 10.39 -19.00 16.23
C MET A 77 9.60 -18.85 17.53
N LYS A 78 10.29 -19.16 18.62
CA LYS A 78 9.73 -19.23 19.97
C LYS A 78 9.81 -17.88 20.65
N ALA A 79 9.38 -17.81 21.91
CA ALA A 79 9.52 -16.62 22.76
C ALA A 79 8.68 -15.46 22.22
N PRO A 80 9.02 -14.20 22.60
CA PRO A 80 8.43 -13.04 21.94
C PRO A 80 9.20 -12.62 20.68
N ARG A 81 10.12 -13.48 20.26
CA ARG A 81 11.02 -13.19 19.13
C ARG A 81 10.45 -13.79 17.84
N SER A 82 9.31 -13.25 17.42
CA SER A 82 8.59 -13.74 16.24
C SER A 82 7.86 -12.60 15.53
N TYR A 83 7.15 -12.93 14.47
CA TYR A 83 6.34 -11.97 13.74
C TYR A 83 5.18 -11.46 14.60
N THR A 84 4.47 -12.40 15.22
CA THR A 84 3.27 -12.09 16.00
C THR A 84 3.54 -11.94 17.49
N ARG A 85 4.80 -12.11 17.89
CA ARG A 85 5.22 -12.10 19.30
C ARG A 85 4.84 -13.38 20.03
N GLU A 86 3.97 -14.19 19.42
CA GLU A 86 3.60 -15.50 19.94
C GLU A 86 4.61 -16.53 19.47
N ASP A 87 4.43 -17.77 19.90
CA ASP A 87 5.20 -18.89 19.33
C ASP A 87 4.78 -19.10 17.87
N VAL A 88 5.76 -19.10 16.99
CA VAL A 88 5.53 -19.22 15.55
C VAL A 88 6.30 -20.40 14.95
N VAL A 89 5.58 -21.24 14.22
CA VAL A 89 6.17 -22.32 13.44
C VAL A 89 5.81 -22.18 11.95
N GLU A 90 6.69 -22.65 11.08
CA GLU A 90 6.44 -22.61 9.64
C GLU A 90 6.82 -23.91 9.00
N PHE A 91 5.88 -24.50 8.27
CA PHE A 91 6.15 -25.68 7.46
C PHE A 91 6.46 -25.23 6.03
N HIS A 92 7.65 -25.59 5.56
CA HIS A 92 8.09 -25.20 4.24
C HIS A 92 7.98 -26.38 3.28
N CYS A 93 6.83 -26.46 2.63
CA CYS A 93 6.45 -27.56 1.76
C CYS A 93 6.94 -27.36 0.33
N HIS A 94 6.87 -28.41 -0.48
CA HIS A 94 7.13 -28.31 -1.90
C HIS A 94 6.08 -27.41 -2.56
N GLY A 95 4.82 -27.70 -2.32
CA GLY A 95 3.74 -26.84 -2.77
C GLY A 95 3.60 -26.68 -4.27
N GLY A 96 2.73 -27.51 -4.83
CA GLY A 96 2.03 -27.15 -6.05
C GLY A 96 0.73 -26.63 -5.48
N ILE A 97 -0.36 -27.31 -5.76
CA ILE A 97 -1.64 -26.99 -5.13
C ILE A 97 -2.06 -28.05 -4.13
N ILE A 98 -1.22 -29.07 -3.93
CA ILE A 98 -1.60 -30.22 -3.09
C ILE A 98 -0.94 -30.24 -1.70
N ALA A 99 0.38 -30.18 -1.66
CA ALA A 99 1.11 -30.37 -0.40
C ALA A 99 0.70 -29.39 0.69
N VAL A 100 0.65 -28.09 0.36
CA VAL A 100 0.27 -27.06 1.34
C VAL A 100 -1.14 -27.27 1.87
N GLN A 101 -2.06 -27.64 0.98
CA GLN A 101 -3.45 -27.91 1.36
C GLN A 101 -3.47 -29.02 2.38
N GLN A 102 -2.71 -30.07 2.10
CA GLN A 102 -2.64 -31.25 2.93
C GLN A 102 -2.13 -30.92 4.32
N VAL A 103 -1.08 -30.10 4.37
CA VAL A 103 -0.43 -29.70 5.62
C VAL A 103 -1.33 -28.79 6.42
N LEU A 104 -1.91 -27.79 5.78
CA LEU A 104 -2.85 -26.87 6.44
C LEU A 104 -3.99 -27.62 7.11
N GLN A 105 -4.57 -28.58 6.39
CA GLN A 105 -5.65 -29.43 6.89
C GLN A 105 -5.24 -30.20 8.14
N LEU A 106 -4.02 -30.75 8.14
CA LEU A 106 -3.45 -31.42 9.29
C LEU A 106 -3.24 -30.49 10.49
N CYS A 107 -3.07 -29.19 10.21
CA CYS A 107 -2.93 -28.17 11.26
C CYS A 107 -4.27 -27.89 11.93
N LEU A 108 -5.31 -27.74 11.12
CA LEU A 108 -6.66 -27.54 11.61
C LEU A 108 -7.10 -28.71 12.48
N GLU A 109 -6.71 -29.92 12.06
CA GLU A 109 -7.03 -31.14 12.79
C GLU A 109 -6.32 -31.23 14.14
N SER A 110 -5.20 -30.52 14.28
CA SER A 110 -4.43 -30.55 15.52
C SER A 110 -4.70 -29.34 16.42
N GLY A 111 -5.88 -28.74 16.27
CA GLY A 111 -6.33 -27.68 17.17
C GLY A 111 -5.98 -26.26 16.77
N ALA A 112 -5.58 -26.07 15.52
CA ALA A 112 -5.39 -24.73 14.97
C ALA A 112 -6.65 -24.31 14.23
N ARG A 113 -6.98 -23.02 14.28
CA ARG A 113 -8.09 -22.50 13.49
C ARG A 113 -7.54 -21.74 12.28
N LEU A 114 -8.32 -21.68 11.22
CA LEU A 114 -7.89 -21.02 9.99
C LEU A 114 -7.86 -19.52 10.18
N ALA A 115 -6.67 -18.94 9.98
CA ALA A 115 -6.48 -17.50 10.13
C ALA A 115 -7.31 -16.73 9.12
N GLN A 116 -7.77 -15.55 9.53
CA GLN A 116 -8.53 -14.66 8.66
C GLN A 116 -7.59 -13.62 8.07
N PRO A 117 -8.02 -12.96 6.97
CA PRO A 117 -7.21 -11.91 6.35
C PRO A 117 -6.57 -10.96 7.37
N GLY A 118 -5.26 -10.76 7.22
CA GLY A 118 -4.51 -9.85 8.08
C GLY A 118 -4.32 -10.26 9.52
N GLU A 119 -4.98 -11.35 9.94
CA GLU A 119 -4.99 -11.76 11.36
C GLU A 119 -3.60 -12.01 11.97
N PHE A 120 -2.62 -12.40 11.18
CA PHE A 120 -1.24 -12.52 11.67
C PHE A 120 -0.68 -11.15 12.01
N THR A 121 -0.81 -10.23 11.06
CA THR A 121 -0.26 -8.89 11.22
C THR A 121 -1.09 -8.04 12.20
N LEU A 122 -2.33 -8.44 12.46
CA LEU A 122 -3.12 -7.83 13.53
C LEU A 122 -2.56 -8.24 14.89
N ARG A 123 -2.35 -9.54 15.08
CA ARG A 123 -1.76 -10.08 16.31
C ARG A 123 -0.39 -9.45 16.58
N ALA A 124 0.29 -9.02 15.52
CA ALA A 124 1.55 -8.32 15.68
C ALA A 124 1.30 -6.97 16.34
N PHE A 125 0.28 -6.26 15.83
CA PHE A 125 -0.09 -4.96 16.36
C PHE A 125 -0.65 -5.11 17.77
N LEU A 126 -1.48 -6.13 17.95
CA LEU A 126 -2.15 -6.41 19.21
C LEU A 126 -1.15 -6.68 20.35
N ASN A 127 0.04 -7.15 20.01
CA ASN A 127 1.10 -7.36 21.00
C ASN A 127 2.16 -6.25 20.98
N GLY A 128 1.78 -5.09 20.44
CA GLY A 128 2.63 -3.91 20.45
C GLY A 128 4.00 -4.03 19.80
N ARG A 129 4.11 -4.87 18.78
CA ARG A 129 5.32 -4.91 17.95
C ARG A 129 5.20 -3.89 16.81
N LEU A 130 3.96 -3.65 16.37
CA LEU A 130 3.69 -2.67 15.33
C LEU A 130 2.60 -1.70 15.77
N ASP A 131 2.62 -0.51 15.19
CA ASP A 131 1.46 0.39 15.26
C ASP A 131 0.65 0.19 13.96
N LEU A 132 -0.51 0.85 13.88
CA LEU A 132 -1.34 0.74 12.69
C LEU A 132 -0.65 1.21 11.41
N THR A 133 0.10 2.31 11.48
CA THR A 133 0.76 2.87 10.30
C THR A 133 1.74 1.87 9.69
N GLN A 134 2.37 1.08 10.55
CA GLN A 134 3.29 0.03 10.13
C GLN A 134 2.51 -1.16 9.57
N ALA A 135 1.54 -1.65 10.33
CA ALA A 135 0.67 -2.72 9.86
C ALA A 135 0.18 -2.38 8.46
N GLU A 136 -0.42 -1.20 8.32
CA GLU A 136 -0.92 -0.73 7.02
C GLU A 136 0.12 -0.80 5.92
N SER A 137 1.35 -0.43 6.24
CA SER A 137 2.41 -0.29 5.24
C SER A 137 3.02 -1.60 4.78
N ILE A 138 2.84 -2.68 5.54
CA ILE A 138 3.29 -3.99 5.06
C ILE A 138 2.35 -4.52 3.97
N ALA A 139 1.07 -4.15 4.08
CA ALA A 139 0.11 -4.43 3.01
C ALA A 139 0.48 -3.58 1.80
N ASP A 140 1.02 -2.40 2.07
CA ASP A 140 1.52 -1.52 1.01
C ASP A 140 2.77 -2.09 0.35
N LEU A 141 3.59 -2.80 1.13
CA LEU A 141 4.82 -3.40 0.62
C LEU A 141 4.53 -4.50 -0.39
N VAL A 142 3.80 -5.53 0.02
CA VAL A 142 3.41 -6.62 -0.90
C VAL A 142 2.44 -6.14 -1.98
N GLY A 143 1.83 -4.98 -1.75
CA GLY A 143 0.90 -4.41 -2.72
C GLY A 143 1.53 -3.47 -3.73
N ALA A 144 2.79 -3.11 -3.46
CA ALA A 144 3.53 -2.15 -4.28
C ALA A 144 3.74 -2.67 -5.70
N ARG A 145 3.61 -1.78 -6.69
CA ARG A 145 3.87 -2.15 -8.08
C ARG A 145 4.92 -1.25 -8.74
N SER A 146 5.78 -0.66 -7.92
CA SER A 146 6.90 0.14 -8.41
C SER A 146 8.00 0.23 -7.34
N PRO A 147 9.27 0.30 -7.76
CA PRO A 147 10.42 0.43 -6.85
C PRO A 147 10.25 1.49 -5.75
N GLN A 148 9.63 2.63 -6.06
CA GLN A 148 9.45 3.71 -5.07
C GLN A 148 8.19 3.55 -4.24
N ALA A 149 7.25 2.74 -4.72
CA ALA A 149 6.08 2.37 -3.93
C ALA A 149 6.53 1.47 -2.79
N ALA A 150 7.50 0.60 -3.07
CA ALA A 150 8.11 -0.25 -2.06
C ALA A 150 8.92 0.61 -1.08
N GLN A 151 9.75 1.50 -1.63
CA GLN A 151 10.53 2.46 -0.85
C GLN A 151 9.67 3.24 0.14
N THR A 152 8.51 3.70 -0.33
CA THR A 152 7.57 4.42 0.51
C THR A 152 6.97 3.50 1.57
N ALA A 153 6.62 2.28 1.17
CA ALA A 153 6.07 1.28 2.08
C ALA A 153 7.08 0.90 3.17
N LEU A 154 8.33 0.69 2.76
CA LEU A 154 9.41 0.36 3.68
C LEU A 154 9.64 1.45 4.71
N ALA A 155 9.46 2.71 4.31
CA ALA A 155 9.55 3.84 5.23
C ALA A 155 8.46 3.74 6.29
N GLY A 156 7.25 3.39 5.86
CA GLY A 156 6.13 3.19 6.77
C GLY A 156 6.39 2.05 7.73
N LEU A 157 6.91 0.94 7.20
CA LEU A 157 7.23 -0.25 7.98
C LEU A 157 8.28 0.09 9.03
N GLN A 158 9.28 0.85 8.61
CA GLN A 158 10.43 1.21 9.43
C GLN A 158 10.06 2.08 10.62
N GLY A 159 8.89 2.73 10.53
CA GLY A 159 8.39 3.57 11.61
C GLY A 159 8.50 5.06 11.35
N LYS A 160 8.98 5.42 10.17
CA LYS A 160 9.22 6.82 9.80
C LYS A 160 7.96 7.68 9.89
N LEU A 161 6.79 7.03 9.85
CA LEU A 161 5.50 7.72 9.90
C LEU A 161 4.89 7.64 11.30
N ALA A 162 5.19 6.57 12.02
CA ALA A 162 4.69 6.35 13.38
C ALA A 162 5.36 7.25 14.39
N HIS A 163 6.62 7.58 14.12
CA HIS A 163 7.44 8.37 15.04
C HIS A 163 6.97 9.83 15.18
N PRO A 164 6.77 10.55 14.05
CA PRO A 164 6.27 11.94 14.13
C PRO A 164 4.89 12.06 14.75
N ILE A 165 3.95 11.22 14.32
CA ILE A 165 2.57 11.31 14.77
C ILE A 165 2.43 11.02 16.27
N ARG A 166 3.12 9.98 16.75
CA ARG A 166 3.12 9.68 18.16
C ARG A 166 3.81 10.79 18.95
N GLN A 167 4.82 11.42 18.32
CA GLN A 167 5.50 12.58 18.90
C GLN A 167 4.54 13.75 19.09
N LEU A 168 3.78 14.06 18.04
CA LEU A 168 2.81 15.15 18.06
C LEU A 168 1.67 14.93 19.06
N ARG A 169 1.23 13.68 19.19
CA ARG A 169 0.17 13.35 20.16
C ARG A 169 0.65 13.57 21.58
N ALA A 170 1.91 13.24 21.84
CA ALA A 170 2.53 13.47 23.14
C ALA A 170 2.52 14.95 23.48
N ASN A 171 2.85 15.78 22.49
CA ASN A 171 2.85 17.23 22.65
C ASN A 171 1.48 17.76 23.07
N CYS A 172 0.44 17.33 22.37
CA CYS A 172 -0.93 17.70 22.72
C CYS A 172 -1.33 17.19 24.10
N LEU A 173 -0.86 16.00 24.46
CA LEU A 173 -1.10 15.42 25.78
C LEU A 173 -0.39 16.21 26.86
N ASP A 174 0.75 16.78 26.51
CA ASP A 174 1.56 17.54 27.45
C ASP A 174 0.94 18.91 27.71
N ILE A 175 0.57 19.61 26.64
CA ILE A 175 -0.11 20.90 26.79
C ILE A 175 -1.59 20.71 27.17
N LEU A 176 -1.94 19.47 27.50
CA LEU A 176 -3.27 19.13 28.02
C LEU A 176 -3.15 18.88 29.52
N ALA A 177 -2.01 18.36 29.93
CA ALA A 177 -1.72 18.12 31.34
C ALA A 177 -1.43 19.44 32.06
N GLU A 178 -0.88 20.40 31.31
CA GLU A 178 -0.63 21.73 31.83
C GLU A 178 -1.94 22.42 32.19
N ILE A 179 -2.83 22.50 31.20
CA ILE A 179 -4.13 23.13 31.36
C ILE A 179 -5.02 22.40 32.38
N GLU A 180 -4.91 21.07 32.41
CA GLU A 180 -5.79 20.27 33.25
C GLU A 180 -5.36 20.25 34.73
N ALA A 181 -4.10 20.58 35.00
CA ALA A 181 -3.61 20.66 36.38
C ALA A 181 -3.98 22.01 37.00
N ARG A 182 -3.93 23.07 36.19
CA ARG A 182 -4.34 24.41 36.63
C ARG A 182 -5.84 24.47 36.96
N ILE A 183 -6.64 23.80 36.12
CA ILE A 183 -8.09 23.78 36.28
C ILE A 183 -8.53 23.06 37.58
N ASP A 184 -7.61 22.32 38.18
CA ASP A 184 -7.96 21.45 39.32
C ASP A 184 -7.26 21.82 40.63
N PHE A 185 -6.03 22.33 40.55
CA PHE A 185 -5.27 22.70 41.75
C PHE A 185 -5.24 24.23 41.99
N GLU A 186 -5.86 24.64 43.11
CA GLU A 186 -6.14 26.05 43.46
C GLU A 186 -5.15 27.12 42.91
N GLU A 187 -3.99 27.24 43.56
CA GLU A 187 -2.85 27.98 43.02
C GLU A 187 -1.84 26.91 42.57
N ASP A 188 -0.84 26.64 43.40
CA ASP A 188 0.12 25.55 43.19
C ASP A 188 0.67 25.43 41.76
N LEU A 189 0.64 26.55 41.02
CA LEU A 189 1.07 26.63 39.60
C LEU A 189 0.76 28.01 39.01
N PRO A 190 1.79 28.71 38.50
CA PRO A 190 1.62 29.99 37.80
C PRO A 190 0.76 29.87 36.54
N PRO A 191 -0.11 30.87 36.28
CA PRO A 191 -1.06 30.88 35.16
C PRO A 191 -0.44 30.62 33.79
N LEU A 192 -1.29 30.19 32.85
CA LEU A 192 -0.88 29.85 31.48
C LEU A 192 -0.40 31.05 30.68
N ASP A 193 0.59 30.82 29.83
CA ASP A 193 1.08 31.82 28.89
C ASP A 193 0.20 31.77 27.64
N ASP A 194 -0.90 32.51 27.67
CA ASP A 194 -1.96 32.43 26.65
C ASP A 194 -1.51 32.44 25.18
N GLU A 195 -0.39 33.11 24.88
CA GLU A 195 0.12 33.17 23.49
C GLU A 195 1.37 32.32 23.22
N ALA A 196 1.86 31.62 24.24
CA ALA A 196 2.91 30.61 24.06
C ALA A 196 2.26 29.33 23.53
N ILE A 197 1.06 29.04 24.00
CA ILE A 197 0.33 27.85 23.57
C ILE A 197 -0.48 28.07 22.28
N ILE A 198 -0.53 29.31 21.79
CA ILE A 198 -1.01 29.55 20.41
C ILE A 198 0.16 29.34 19.46
N SER A 199 1.37 29.42 20.01
CA SER A 199 2.59 29.22 19.25
C SER A 199 2.96 27.74 19.22
N ASP A 200 2.52 27.00 20.23
CA ASP A 200 2.68 25.55 20.26
C ASP A 200 1.76 24.87 19.25
N ILE A 201 0.52 25.33 19.18
CA ILE A 201 -0.44 24.88 18.17
C ILE A 201 0.04 25.23 16.77
N GLU A 202 0.68 26.40 16.64
CA GLU A 202 1.27 26.82 15.37
C GLU A 202 2.47 25.98 14.97
N ASN A 203 3.07 25.28 15.92
CA ASN A 203 4.15 24.34 15.65
C ASN A 203 3.62 22.99 15.22
N ILE A 204 2.64 22.48 15.98
CA ILE A 204 2.05 21.18 15.74
C ILE A 204 1.29 21.16 14.41
N ALA A 205 0.31 22.05 14.27
CA ALA A 205 -0.48 22.13 13.04
C ALA A 205 0.35 22.44 11.80
N ALA A 206 1.57 22.94 12.01
CA ALA A 206 2.52 23.16 10.92
C ALA A 206 3.10 21.83 10.43
N GLU A 207 3.54 21.01 11.39
CA GLU A 207 4.13 19.70 11.07
C GLU A 207 3.10 18.77 10.44
N ILE A 208 1.90 18.72 11.01
CA ILE A 208 0.85 17.85 10.49
C ILE A 208 0.32 18.35 9.14
N SER A 209 0.67 19.59 8.80
CA SER A 209 0.33 20.15 7.50
C SER A 209 1.37 19.73 6.45
N GLN A 210 2.60 19.50 6.90
CA GLN A 210 3.67 19.00 6.04
C GLN A 210 3.41 17.57 5.63
N LEU A 211 2.83 16.81 6.55
CA LEU A 211 2.44 15.42 6.30
C LEU A 211 1.30 15.36 5.29
N LEU A 212 0.26 16.18 5.51
CA LEU A 212 -0.90 16.22 4.63
C LEU A 212 -0.55 16.62 3.19
N ALA A 213 0.65 17.14 3.00
CA ALA A 213 1.14 17.52 1.67
C ALA A 213 1.49 16.30 0.83
N THR A 214 1.98 15.25 1.50
CA THR A 214 2.40 14.01 0.86
C THR A 214 1.23 13.19 0.34
N LYS A 215 0.07 13.35 1.00
CA LYS A 215 -1.18 12.66 0.65
C LYS A 215 -1.35 12.33 -0.85
N ASP A 216 -1.04 13.28 -1.72
CA ASP A 216 -1.15 13.08 -3.17
C ASP A 216 -0.20 12.02 -3.71
N LYS A 217 1.07 12.10 -3.31
CA LYS A 217 2.07 11.10 -3.68
C LYS A 217 1.60 9.71 -3.23
N GLY A 218 1.16 9.63 -1.98
CA GLY A 218 0.60 8.43 -1.39
C GLY A 218 -0.47 7.75 -2.25
N GLU A 219 -1.48 8.51 -2.66
CA GLU A 219 -2.56 7.97 -3.49
C GLU A 219 -2.06 7.45 -4.84
N LEU A 220 -1.04 8.11 -5.38
CA LEU A 220 -0.49 7.72 -6.68
C LEU A 220 0.35 6.45 -6.63
N LEU A 221 1.21 6.34 -5.61
CA LEU A 221 2.08 5.17 -5.47
C LEU A 221 1.31 3.93 -5.01
N ARG A 222 0.17 4.16 -4.36
CA ARG A 222 -0.65 3.06 -3.85
C ARG A 222 -1.59 2.56 -4.93
N THR A 223 -2.37 3.48 -5.52
CA THR A 223 -3.35 3.13 -6.55
C THR A 223 -2.71 3.09 -7.94
N GLY A 224 -1.85 4.06 -8.23
CA GLY A 224 -1.25 4.20 -9.55
C GLY A 224 -2.25 4.74 -10.56
N LEU A 225 -1.82 4.80 -11.82
CA LEU A 225 -2.65 5.30 -12.90
C LEU A 225 -3.29 4.20 -13.73
N LYS A 226 -4.55 4.42 -14.09
CA LYS A 226 -5.29 3.54 -14.99
C LYS A 226 -5.34 4.22 -16.36
N VAL A 227 -4.59 3.68 -17.32
CA VAL A 227 -4.44 4.30 -18.64
C VAL A 227 -5.06 3.45 -19.75
N ALA A 228 -5.97 4.05 -20.51
CA ALA A 228 -6.57 3.38 -21.67
C ALA A 228 -5.92 3.85 -22.98
N ILE A 229 -5.76 2.92 -23.91
CA ILE A 229 -5.26 3.25 -25.24
C ILE A 229 -6.38 3.08 -26.26
N VAL A 230 -6.80 4.19 -26.87
CA VAL A 230 -7.84 4.14 -27.90
C VAL A 230 -7.31 4.53 -29.28
N GLY A 231 -7.97 4.06 -30.31
CA GLY A 231 -7.58 4.34 -31.69
C GLY A 231 -8.36 3.50 -32.68
N ARG A 232 -8.16 3.77 -33.96
CA ARG A 232 -8.79 2.98 -35.01
C ARG A 232 -7.94 1.73 -35.29
N PRO A 233 -8.54 0.71 -35.95
CA PRO A 233 -7.78 -0.48 -36.37
C PRO A 233 -6.62 -0.17 -37.30
N ASN A 234 -5.49 -0.83 -37.05
CA ASN A 234 -4.25 -0.67 -37.83
C ASN A 234 -3.55 0.66 -37.68
N VAL A 235 -3.75 1.30 -36.52
CA VAL A 235 -3.13 2.58 -36.22
C VAL A 235 -1.80 2.37 -35.49
N GLY A 236 -1.70 1.29 -34.72
CA GLY A 236 -0.48 0.95 -34.00
C GLY A 236 -0.66 0.90 -32.50
N LYS A 237 -1.84 0.48 -32.05
CA LYS A 237 -2.13 0.39 -30.62
C LYS A 237 -1.29 -0.69 -29.95
N SER A 238 -1.35 -1.92 -30.48
CA SER A 238 -0.56 -3.04 -29.99
C SER A 238 0.94 -2.77 -30.15
N SER A 239 1.28 -2.08 -31.24
CA SER A 239 2.66 -1.66 -31.49
C SER A 239 3.14 -0.65 -30.46
N LEU A 240 2.24 0.23 -30.02
CA LEU A 240 2.55 1.22 -29.00
C LEU A 240 2.87 0.53 -27.67
N LEU A 241 2.03 -0.43 -27.28
CA LEU A 241 2.25 -1.20 -26.05
C LEU A 241 3.66 -1.76 -25.97
N ASN A 242 4.02 -2.63 -26.90
CA ASN A 242 5.35 -3.24 -26.96
C ASN A 242 6.48 -2.27 -26.69
N ALA A 243 6.51 -1.18 -27.46
CA ALA A 243 7.57 -0.17 -27.35
C ALA A 243 7.62 0.41 -25.95
N TRP A 244 6.46 0.83 -25.46
CA TRP A 244 6.32 1.41 -24.13
C TRP A 244 6.66 0.39 -23.04
N SER A 245 6.15 -0.83 -23.20
CA SER A 245 6.33 -1.91 -22.24
C SER A 245 7.80 -2.31 -22.10
N GLN A 246 8.49 -2.48 -23.22
CA GLN A 246 9.89 -2.94 -23.22
C GLN A 246 10.85 -2.09 -22.40
N SER A 247 10.61 -0.79 -22.34
CA SER A 247 11.48 0.10 -21.56
C SER A 247 10.86 0.57 -20.24
N ASP A 248 9.63 0.12 -19.94
CA ASP A 248 8.93 0.60 -18.74
C ASP A 248 8.20 -0.49 -17.93
N ARG A 249 8.28 -1.75 -18.35
CA ARG A 249 7.59 -2.86 -17.66
C ARG A 249 8.03 -2.98 -16.19
N ALA A 250 7.07 -3.34 -15.33
CA ALA A 250 7.33 -3.49 -13.90
C ALA A 250 8.01 -4.82 -13.57
N ILE A 251 7.79 -5.82 -14.41
CA ILE A 251 8.42 -7.13 -14.24
C ILE A 251 9.57 -7.30 -15.24
N VAL A 252 10.81 -7.17 -14.77
CA VAL A 252 11.99 -7.34 -15.63
C VAL A 252 12.57 -8.76 -15.63
N THR A 253 12.15 -9.57 -14.66
CA THR A 253 12.59 -10.98 -14.57
C THR A 253 11.41 -11.94 -14.51
N ASP A 254 11.66 -13.18 -14.94
CA ASP A 254 10.61 -14.20 -15.00
C ASP A 254 10.10 -14.55 -13.61
N LEU A 255 8.78 -14.45 -13.42
CA LEU A 255 8.17 -14.51 -12.10
C LEU A 255 7.03 -15.54 -12.04
N PRO A 256 7.29 -16.73 -11.48
CA PRO A 256 6.47 -17.94 -11.48
C PRO A 256 4.94 -17.78 -11.57
N GLY A 257 4.34 -17.10 -10.60
CA GLY A 257 2.87 -17.02 -10.55
C GLY A 257 2.19 -16.19 -11.61
N THR A 258 2.84 -15.10 -12.02
CA THR A 258 2.23 -14.08 -12.88
C THR A 258 2.20 -14.45 -14.36
N THR A 259 1.09 -14.09 -15.01
CA THR A 259 0.84 -14.41 -16.42
C THR A 259 1.22 -13.24 -17.34
N ARG A 260 1.77 -13.56 -18.50
CA ARG A 260 2.34 -12.58 -19.44
C ARG A 260 1.49 -11.33 -19.71
N ASP A 261 0.17 -11.47 -19.65
CA ASP A 261 -0.73 -10.35 -19.90
C ASP A 261 -0.72 -9.31 -18.77
N VAL A 262 -0.37 -9.73 -17.55
CA VAL A 262 -0.19 -8.79 -16.44
C VAL A 262 1.23 -8.24 -16.45
N VAL A 263 2.16 -9.03 -16.95
CA VAL A 263 3.55 -8.60 -17.15
C VAL A 263 3.59 -7.50 -18.22
N GLU A 264 2.72 -7.65 -19.21
CA GLU A 264 2.64 -6.73 -20.35
C GLU A 264 1.97 -5.40 -20.00
N SER A 265 0.84 -5.45 -19.29
CA SER A 265 0.02 -4.26 -19.02
C SER A 265 0.45 -3.47 -17.78
N GLN A 266 1.06 -4.15 -16.81
CA GLN A 266 1.49 -3.51 -15.58
C GLN A 266 2.93 -2.99 -15.69
N LEU A 267 3.04 -1.69 -15.89
CA LEU A 267 4.33 -1.01 -16.07
C LEU A 267 4.45 0.23 -15.18
N VAL A 268 5.60 0.90 -15.24
CA VAL A 268 5.86 2.05 -14.39
C VAL A 268 6.48 3.23 -15.15
N VAL A 269 5.93 4.42 -14.94
CA VAL A 269 6.40 5.65 -15.57
C VAL A 269 6.78 6.65 -14.50
N GLY A 270 8.07 6.98 -14.44
CA GLY A 270 8.59 7.94 -13.48
C GLY A 270 8.19 7.70 -12.03
N GLY A 271 8.13 6.43 -11.65
CA GLY A 271 7.77 6.07 -10.27
C GLY A 271 6.33 5.61 -10.07
N ILE A 272 5.43 6.15 -10.89
CA ILE A 272 4.01 5.85 -10.77
C ILE A 272 3.68 4.52 -11.45
N PRO A 273 3.05 3.58 -10.72
CA PRO A 273 2.57 2.36 -11.34
C PRO A 273 1.52 2.71 -12.38
N VAL A 274 1.73 2.29 -13.62
CA VAL A 274 0.76 2.57 -14.68
C VAL A 274 0.18 1.27 -15.21
N GLN A 275 -1.13 1.16 -15.16
CA GLN A 275 -1.82 -0.05 -15.57
C GLN A 275 -2.65 0.20 -16.83
N VAL A 276 -2.33 -0.54 -17.90
CA VAL A 276 -2.97 -0.36 -19.21
C VAL A 276 -4.20 -1.25 -19.38
N LEU A 277 -5.37 -0.63 -19.48
CA LEU A 277 -6.65 -1.32 -19.62
C LEU A 277 -6.79 -2.03 -20.98
N ASP A 278 -7.89 -2.75 -21.17
CA ASP A 278 -8.13 -3.50 -22.42
C ASP A 278 -9.52 -3.32 -23.02
N GLN A 299 -13.23 3.76 -27.14
CA GLN A 299 -14.55 4.16 -26.65
C GLN A 299 -15.18 3.08 -25.76
N ALA A 300 -14.97 3.22 -24.45
CA ALA A 300 -15.49 2.31 -23.42
C ALA A 300 -14.96 2.69 -22.03
N ALA A 301 -13.64 2.90 -21.96
CA ALA A 301 -12.94 3.15 -20.71
C ALA A 301 -13.09 4.58 -20.20
N ASN A 302 -14.12 4.80 -19.39
CA ASN A 302 -14.23 5.97 -18.54
C ASN A 302 -13.73 5.59 -17.15
N THR A 303 -13.41 4.30 -17.01
CA THR A 303 -12.74 3.76 -15.84
C THR A 303 -11.24 4.12 -15.84
N ALA A 304 -10.82 4.88 -16.85
CA ALA A 304 -9.43 5.30 -16.96
C ALA A 304 -9.24 6.72 -16.44
N ASP A 305 -8.08 6.98 -15.84
CA ASP A 305 -7.72 8.30 -15.34
C ASP A 305 -7.15 9.16 -16.46
N LEU A 306 -6.46 8.50 -17.39
CA LEU A 306 -5.83 9.15 -18.52
C LEU A 306 -6.00 8.29 -19.76
N VAL A 307 -6.32 8.94 -20.89
CA VAL A 307 -6.51 8.25 -22.17
C VAL A 307 -5.47 8.68 -23.21
N LEU A 308 -4.93 7.70 -23.93
CA LEU A 308 -4.05 7.94 -25.06
C LEU A 308 -4.79 7.64 -26.36
N LEU A 309 -5.11 8.69 -27.11
CA LEU A 309 -5.75 8.52 -28.41
C LEU A 309 -4.69 8.41 -29.50
N THR A 310 -4.76 7.32 -30.26
CA THR A 310 -3.77 7.06 -31.30
C THR A 310 -4.36 7.21 -32.71
N ILE A 311 -3.79 8.14 -33.48
CA ILE A 311 -4.14 8.28 -34.89
C ILE A 311 -2.92 7.95 -35.75
N ASP A 312 -3.15 7.75 -37.05
CA ASP A 312 -2.12 7.35 -37.98
C ASP A 312 -1.63 8.54 -38.83
N ALA A 313 -0.42 9.02 -38.55
CA ALA A 313 0.13 10.21 -39.20
C ALA A 313 0.38 10.02 -40.70
N ALA A 314 0.45 8.77 -41.14
CA ALA A 314 0.66 8.44 -42.55
C ALA A 314 -0.55 8.83 -43.41
N THR A 315 -1.76 8.70 -42.85
CA THR A 315 -2.98 9.12 -43.54
C THR A 315 -3.56 10.38 -42.92
N GLY A 316 -2.99 10.79 -41.79
CA GLY A 316 -3.48 11.97 -41.07
C GLY A 316 -4.84 11.74 -40.46
N TRP A 317 -5.36 12.76 -39.78
CA TRP A 317 -6.64 12.67 -39.09
C TRP A 317 -7.75 12.21 -40.03
N THR A 318 -8.58 11.30 -39.54
CA THR A 318 -9.74 10.84 -40.29
C THR A 318 -11.06 11.08 -39.54
N THR A 319 -12.14 10.65 -40.17
CA THR A 319 -13.48 10.80 -39.62
C THR A 319 -13.69 9.81 -38.47
N GLY A 320 -13.10 8.63 -38.59
CA GLY A 320 -13.12 7.63 -37.53
C GLY A 320 -12.35 8.10 -36.31
N ASP A 321 -11.32 8.92 -36.55
CA ASP A 321 -10.56 9.54 -35.47
C ASP A 321 -11.43 10.53 -34.71
N GLN A 322 -12.22 11.31 -35.45
CA GLN A 322 -13.07 12.34 -34.87
C GLN A 322 -14.09 11.79 -33.90
N GLU A 323 -14.84 10.78 -34.34
CA GLU A 323 -15.93 10.23 -33.54
C GLU A 323 -15.49 9.66 -32.20
N ILE A 324 -14.40 8.88 -32.20
CA ILE A 324 -13.91 8.29 -30.96
C ILE A 324 -13.19 9.33 -30.10
N TYR A 325 -12.85 10.46 -30.71
CA TYR A 325 -12.36 11.62 -29.97
C TYR A 325 -13.52 12.27 -29.24
N GLU A 326 -14.69 12.26 -29.88
CA GLU A 326 -15.88 12.88 -29.30
C GLU A 326 -16.31 12.10 -28.06
N GLN A 327 -16.00 10.81 -28.02
CA GLN A 327 -16.31 9.95 -26.86
C GLN A 327 -15.38 10.16 -25.67
N VAL A 328 -14.12 10.51 -25.94
CA VAL A 328 -13.09 10.50 -24.90
C VAL A 328 -12.52 11.88 -24.52
N LYS A 329 -13.08 12.95 -25.09
CA LYS A 329 -12.49 14.28 -24.91
C LYS A 329 -12.67 14.88 -23.51
N HIS A 330 -13.68 14.40 -22.80
CA HIS A 330 -13.97 14.85 -21.42
C HIS A 330 -12.95 14.32 -20.41
N ARG A 331 -12.28 13.22 -20.76
CA ARG A 331 -11.23 12.63 -19.93
C ARG A 331 -9.87 13.23 -20.29
N PRO A 332 -8.93 13.30 -19.31
CA PRO A 332 -7.58 13.78 -19.60
C PRO A 332 -6.97 13.01 -20.77
N LEU A 333 -6.48 13.72 -21.78
CA LEU A 333 -6.14 13.09 -23.04
C LEU A 333 -4.77 13.49 -23.59
N ILE A 334 -4.06 12.49 -24.11
CA ILE A 334 -2.82 12.71 -24.86
C ILE A 334 -3.00 12.14 -26.26
N LEU A 335 -2.80 12.99 -27.27
CA LEU A 335 -2.85 12.53 -28.66
C LEU A 335 -1.51 11.89 -29.01
N VAL A 336 -1.57 10.62 -29.40
CA VAL A 336 -0.37 9.93 -29.88
C VAL A 336 -0.41 9.86 -31.39
N MET A 337 0.49 10.61 -32.00
CA MET A 337 0.60 10.71 -33.45
C MET A 337 1.56 9.62 -33.89
N ASN A 338 1.02 8.50 -34.36
CA ASN A 338 1.83 7.33 -34.67
C ASN A 338 2.30 7.26 -36.12
N LYS A 339 3.42 6.54 -36.31
CA LYS A 339 4.02 6.28 -37.63
C LYS A 339 4.67 7.52 -38.25
N ILE A 340 5.36 8.34 -37.44
CA ILE A 340 6.00 9.56 -37.96
C ILE A 340 7.21 9.28 -38.86
N ASP A 341 7.64 8.03 -38.86
CA ASP A 341 8.67 7.56 -39.79
C ASP A 341 8.18 7.57 -41.24
N LEU A 342 6.88 7.73 -41.44
CA LEU A 342 6.28 7.75 -42.78
C LEU A 342 6.00 9.17 -43.30
N VAL A 343 5.85 10.14 -42.40
CA VAL A 343 5.78 11.55 -42.80
C VAL A 343 7.18 12.17 -42.83
N GLU A 344 7.41 13.05 -43.79
CA GLU A 344 8.72 13.71 -43.93
C GLU A 344 8.81 14.97 -43.07
N LYS A 345 10.02 15.20 -42.55
CA LYS A 345 10.29 16.15 -41.46
C LYS A 345 9.59 17.52 -41.53
N GLN A 346 9.64 18.16 -42.70
CA GLN A 346 9.08 19.51 -42.87
C GLN A 346 7.55 19.55 -42.70
N LEU A 347 6.91 18.41 -42.91
CA LEU A 347 5.44 18.34 -42.89
C LEU A 347 4.84 17.86 -41.56
N ILE A 348 5.69 17.62 -40.56
CA ILE A 348 5.23 17.17 -39.24
C ILE A 348 4.37 18.21 -38.53
N THR A 349 4.86 19.44 -38.47
CA THR A 349 4.12 20.55 -37.84
C THR A 349 2.87 20.91 -38.65
N SER A 350 2.76 20.35 -39.85
CA SER A 350 1.65 20.60 -40.77
C SER A 350 0.45 19.67 -40.52
N LEU A 351 0.66 18.59 -39.78
CA LEU A 351 -0.37 17.58 -39.50
C LEU A 351 -1.53 18.13 -38.65
N GLU A 352 -2.75 17.87 -39.12
CA GLU A 352 -3.97 18.42 -38.51
C GLU A 352 -4.55 17.54 -37.40
N TYR A 353 -5.02 18.19 -36.34
CA TYR A 353 -5.62 17.55 -35.19
C TYR A 353 -6.51 18.57 -34.48
N PRO A 354 -7.58 18.13 -33.80
CA PRO A 354 -8.50 19.08 -33.17
C PRO A 354 -7.77 20.01 -32.21
N GLU A 355 -8.14 21.29 -32.25
CA GLU A 355 -7.35 22.35 -31.63
C GLU A 355 -7.34 22.38 -30.10
N ASN A 356 -8.30 21.71 -29.47
CA ASN A 356 -8.39 21.68 -28.00
C ASN A 356 -7.35 20.81 -27.29
N ILE A 357 -6.80 19.83 -28.00
CA ILE A 357 -5.70 19.02 -27.48
C ILE A 357 -4.54 19.93 -27.09
N THR A 358 -3.97 19.72 -25.91
CA THR A 358 -2.80 20.46 -25.48
C THR A 358 -1.61 19.53 -25.26
N GLN A 359 -1.84 18.23 -25.45
CA GLN A 359 -0.81 17.22 -25.22
C GLN A 359 -0.68 16.28 -26.43
N ILE A 360 0.27 16.59 -27.31
CA ILE A 360 0.53 15.76 -28.49
C ILE A 360 1.94 15.15 -28.45
N VAL A 361 2.06 13.92 -28.93
CA VAL A 361 3.35 13.20 -28.95
C VAL A 361 3.51 12.44 -30.27
N HIS A 362 4.69 12.57 -30.87
CA HIS A 362 5.00 11.85 -32.12
C HIS A 362 5.78 10.58 -31.79
N THR A 363 5.28 9.44 -32.25
CA THR A 363 5.92 8.15 -31.98
C THR A 363 6.08 7.32 -33.23
N ALA A 364 7.22 6.64 -33.32
CA ALA A 364 7.43 5.58 -34.30
C ALA A 364 7.50 4.26 -33.54
N ALA A 365 6.34 3.62 -33.39
CA ALA A 365 6.18 2.44 -32.54
C ALA A 365 7.06 1.26 -32.95
N ALA A 366 6.97 0.86 -34.22
CA ALA A 366 7.76 -0.25 -34.75
C ALA A 366 9.26 0.01 -34.59
N GLN A 367 9.67 1.27 -34.70
CA GLN A 367 11.07 1.67 -34.53
C GLN A 367 11.44 1.85 -33.06
N LYS A 368 10.47 1.63 -32.18
CA LYS A 368 10.65 1.70 -30.72
C LYS A 368 11.12 3.05 -30.17
N GLN A 369 10.85 4.15 -30.89
CA GLN A 369 11.21 5.47 -30.37
C GLN A 369 9.98 6.40 -30.22
N GLY A 370 10.05 7.26 -29.20
CA GLY A 370 8.95 8.17 -28.88
C GLY A 370 8.46 8.02 -27.45
N ILE A 371 8.70 6.84 -26.88
CA ILE A 371 8.24 6.50 -25.53
C ILE A 371 8.86 7.35 -24.42
N ASP A 372 10.03 7.94 -24.71
CA ASP A 372 10.67 8.90 -23.82
C ASP A 372 9.85 10.20 -23.72
N SER A 373 9.24 10.59 -24.83
CA SER A 373 8.41 11.78 -24.93
C SER A 373 7.04 11.50 -24.30
N LEU A 374 6.53 10.30 -24.54
CA LEU A 374 5.27 9.85 -23.98
C LEU A 374 5.32 9.91 -22.46
N GLU A 375 6.43 9.46 -21.88
CA GLU A 375 6.66 9.54 -20.44
C GLU A 375 6.54 10.97 -19.94
N THR A 376 7.27 11.89 -20.59
CA THR A 376 7.30 13.30 -20.20
C THR A 376 5.89 13.90 -20.25
N ALA A 377 5.12 13.51 -21.26
CA ALA A 377 3.76 13.98 -21.45
C ALA A 377 2.81 13.43 -20.40
N ILE A 378 3.04 12.19 -19.97
CA ILE A 378 2.22 11.54 -18.95
C ILE A 378 2.52 12.12 -17.57
N LEU A 379 3.80 12.35 -17.28
CA LEU A 379 4.20 12.98 -16.03
C LEU A 379 3.68 14.41 -15.95
N GLU A 380 3.69 15.07 -17.11
CA GLU A 380 3.28 16.47 -17.24
C GLU A 380 1.81 16.69 -16.92
N ILE A 381 0.96 15.84 -17.50
CA ILE A 381 -0.49 15.91 -17.32
C ILE A 381 -0.91 15.57 -15.88
N VAL A 382 0.00 14.99 -15.11
CA VAL A 382 -0.26 14.63 -13.71
C VAL A 382 0.24 15.70 -12.73
N GLN A 383 1.39 16.31 -13.03
CA GLN A 383 1.95 17.35 -12.16
C GLN A 383 1.35 18.76 -12.40
N THR A 384 0.03 18.86 -12.29
CA THR A 384 -0.69 20.13 -12.36
C THR A 384 -1.13 20.55 -10.95
N GLY A 385 -1.40 19.56 -10.09
CA GLY A 385 -1.66 19.80 -8.67
C GLY A 385 -0.36 20.13 -7.96
N LYS A 386 0.24 19.11 -7.34
CA LYS A 386 1.59 19.19 -6.76
C LYS A 386 2.30 17.83 -6.62
N VAL A 387 2.92 17.39 -7.73
CA VAL A 387 3.81 16.22 -7.74
C VAL A 387 5.27 16.70 -7.57
N GLN A 388 5.46 18.03 -7.61
CA GLN A 388 6.74 18.66 -7.26
C GLN A 388 6.72 19.36 -5.87
N ALA A 389 5.82 18.89 -5.02
CA ALA A 389 5.83 19.23 -3.58
C ALA A 389 6.50 18.10 -2.79
N ALA A 390 6.91 17.06 -3.51
CA ALA A 390 7.54 15.86 -2.93
C ALA A 390 8.94 16.15 -2.36
N ASP A 391 9.20 15.60 -1.19
CA ASP A 391 10.48 15.79 -0.48
C ASP A 391 11.28 14.49 -0.48
N MET A 392 10.77 13.50 0.23
CA MET A 392 11.35 12.16 0.30
C MET A 392 10.28 11.12 -0.02
N ASP A 393 10.59 9.85 0.22
CA ASP A 393 9.63 8.76 -0.01
C ASP A 393 8.86 8.35 1.26
N LEU A 394 8.32 9.34 1.96
CA LEU A 394 7.38 9.11 3.06
C LEU A 394 6.05 9.74 2.67
N ALA A 395 4.99 8.94 2.62
CA ALA A 395 3.69 9.43 2.18
C ALA A 395 2.52 8.75 2.87
N ILE A 396 1.62 9.54 3.43
CA ILE A 396 0.47 9.00 4.16
C ILE A 396 -0.63 8.55 3.18
N ASN A 397 -1.56 7.73 3.68
CA ASN A 397 -2.68 7.26 2.87
C ASN A 397 -3.98 8.01 3.16
N GLN A 398 -5.04 7.61 2.46
CA GLN A 398 -6.36 8.24 2.59
C GLN A 398 -6.87 8.29 4.03
N ARG A 399 -6.88 7.15 4.72
CA ARG A 399 -7.39 7.05 6.10
C ARG A 399 -6.56 7.89 7.07
N GLN A 400 -5.25 7.85 6.90
CA GLN A 400 -4.33 8.60 7.74
C GLN A 400 -4.53 10.10 7.55
N ALA A 401 -4.65 10.52 6.29
CA ALA A 401 -4.87 11.93 5.96
C ALA A 401 -6.24 12.43 6.42
N ALA A 402 -7.24 11.54 6.38
CA ALA A 402 -8.58 11.86 6.85
C ALA A 402 -8.56 12.22 8.33
N ALA A 403 -7.84 11.43 9.13
CA ALA A 403 -7.74 11.66 10.57
C ALA A 403 -6.83 12.83 10.92
N LEU A 404 -5.90 13.16 10.04
CA LEU A 404 -4.98 14.29 10.26
C LEU A 404 -5.66 15.64 10.08
N THR A 405 -6.41 15.82 9.00
CA THR A 405 -7.18 17.05 8.79
C THR A 405 -8.17 17.27 9.93
N GLN A 406 -8.81 16.18 10.39
CA GLN A 406 -9.79 16.23 11.46
C GLN A 406 -9.13 16.61 12.79
N ALA A 407 -7.87 16.21 12.95
CA ALA A 407 -7.07 16.62 14.11
C ALA A 407 -6.64 18.07 13.97
N LYS A 408 -6.41 18.51 12.72
CA LYS A 408 -6.01 19.88 12.43
C LYS A 408 -7.17 20.84 12.68
N MET A 409 -8.37 20.48 12.20
CA MET A 409 -9.57 21.31 12.39
C MET A 409 -9.83 21.52 13.88
N SER A 410 -9.84 20.42 14.63
CA SER A 410 -10.09 20.41 16.07
C SER A 410 -8.98 21.15 16.86
N LEU A 411 -7.81 21.24 16.26
CA LEU A 411 -6.64 21.85 16.88
C LEU A 411 -6.65 23.38 16.75
N GLU A 412 -7.10 23.86 15.58
CA GLU A 412 -7.27 25.30 15.36
C GLU A 412 -8.64 25.79 15.85
N GLN A 413 -9.50 24.84 16.25
CA GLN A 413 -10.73 25.14 16.96
C GLN A 413 -10.41 25.63 18.36
N VAL A 414 -9.35 25.06 18.95
CA VAL A 414 -8.78 25.55 20.20
C VAL A 414 -8.00 26.83 19.94
N GLN A 415 -7.28 26.87 18.81
CA GLN A 415 -6.49 28.03 18.41
C GLN A 415 -7.36 29.27 18.24
N ALA A 416 -8.68 29.09 18.30
CA ALA A 416 -9.62 30.20 18.27
C ALA A 416 -10.13 30.52 19.67
N THR A 417 -10.51 29.49 20.42
CA THR A 417 -11.15 29.68 21.73
C THR A 417 -10.23 30.18 22.85
N ILE A 418 -8.92 30.25 22.59
CA ILE A 418 -8.00 30.86 23.56
C ILE A 418 -7.73 32.34 23.26
N THR A 419 -7.97 32.77 22.02
CA THR A 419 -7.93 34.19 21.69
C THR A 419 -9.22 34.89 22.14
N GLN A 420 -10.33 34.14 22.15
CA GLN A 420 -11.59 34.59 22.75
C GLN A 420 -11.50 34.62 24.29
N GLN A 421 -10.52 33.88 24.82
CA GLN A 421 -10.23 33.82 26.26
C GLN A 421 -11.40 33.34 27.14
N LEU A 422 -12.00 32.22 26.74
CA LEU A 422 -12.96 31.51 27.58
C LEU A 422 -12.23 30.85 28.75
N PRO A 423 -12.97 30.30 29.74
CA PRO A 423 -12.29 29.59 30.84
C PRO A 423 -11.67 28.27 30.38
N LEU A 424 -10.82 27.69 31.22
CA LEU A 424 -10.12 26.43 30.90
C LEU A 424 -11.05 25.24 30.62
N ASP A 425 -12.33 25.39 30.97
CA ASP A 425 -13.33 24.35 30.72
C ASP A 425 -13.64 24.18 29.24
N PHE A 426 -13.58 25.29 28.50
CA PHE A 426 -13.97 25.31 27.10
C PHE A 426 -12.75 25.32 26.16
N TRP A 427 -11.66 24.76 26.65
CA TRP A 427 -10.45 24.53 25.88
C TRP A 427 -10.29 23.03 25.72
N THR A 428 -10.66 22.32 26.79
CA THR A 428 -10.35 20.91 26.97
C THR A 428 -11.12 19.95 26.06
N ILE A 429 -12.31 20.38 25.63
CA ILE A 429 -13.15 19.55 24.76
C ILE A 429 -12.46 19.27 23.42
N ASP A 430 -12.01 20.34 22.76
CA ASP A 430 -11.41 20.23 21.42
C ASP A 430 -10.00 19.66 21.40
N LEU A 431 -9.23 19.91 22.47
CA LEU A 431 -7.87 19.37 22.56
C LEU A 431 -7.91 17.85 22.63
N ARG A 432 -8.82 17.31 23.45
CA ARG A 432 -9.06 15.87 23.54
C ARG A 432 -9.37 15.29 22.16
N GLY A 433 -10.26 15.97 21.43
CA GLY A 433 -10.63 15.56 20.08
C GLY A 433 -9.43 15.42 19.16
N ALA A 434 -8.47 16.33 19.29
CA ALA A 434 -7.24 16.27 18.51
C ALA A 434 -6.37 15.08 18.92
N ILE A 435 -6.25 14.86 20.22
CA ILE A 435 -5.47 13.74 20.76
C ILE A 435 -6.08 12.40 20.33
N GLN A 436 -7.40 12.33 20.36
CA GLN A 436 -8.13 11.13 19.98
C GLN A 436 -7.99 10.86 18.49
N ALA A 437 -8.02 11.91 17.69
CA ALA A 437 -7.89 11.79 16.24
C ALA A 437 -6.50 11.34 15.83
N LEU A 438 -5.48 11.84 16.54
CA LEU A 438 -4.12 11.38 16.31
C LEU A 438 -3.92 9.99 16.88
N GLY A 439 -4.74 9.65 17.88
CA GLY A 439 -4.73 8.31 18.48
C GLY A 439 -5.28 7.24 17.55
N GLU A 440 -6.16 7.66 16.64
CA GLU A 440 -6.68 6.81 15.58
C GLU A 440 -5.57 6.30 14.65
N ILE A 441 -4.61 7.17 14.35
CA ILE A 441 -3.61 6.89 13.33
C ILE A 441 -2.63 5.80 13.75
N THR A 442 -1.96 5.99 14.88
CA THR A 442 -1.02 4.99 15.40
C THR A 442 -1.77 3.83 16.05
N GLY A 443 -2.93 4.12 16.62
CA GLY A 443 -3.82 3.07 17.12
C GLY A 443 -3.94 2.93 18.62
N GLU A 444 -3.58 3.96 19.38
CA GLU A 444 -3.79 3.95 20.83
C GLU A 444 -5.25 4.28 21.18
N GLU A 445 -6.00 4.73 20.18
CA GLU A 445 -7.38 5.13 20.38
C GLU A 445 -8.19 4.94 19.08
N VAL A 446 -8.57 3.69 18.82
CA VAL A 446 -9.34 3.33 17.61
C VAL A 446 -10.63 2.59 17.90
N THR A 447 -11.68 2.95 17.16
CA THR A 447 -12.92 2.18 17.15
C THR A 447 -12.60 0.81 16.53
N GLU A 448 -13.34 -0.22 16.92
CA GLU A 448 -13.07 -1.55 16.40
C GLU A 448 -13.57 -1.73 14.96
N SER A 449 -14.51 -0.89 14.54
CA SER A 449 -14.99 -0.90 13.17
C SER A 449 -13.87 -0.43 12.23
N VAL A 450 -13.16 0.62 12.64
CA VAL A 450 -12.00 1.14 11.90
C VAL A 450 -10.93 0.06 11.83
N LEU A 451 -10.69 -0.58 12.96
CA LEU A 451 -9.69 -1.63 13.09
C LEU A 451 -9.98 -2.85 12.21
N ASP A 452 -11.23 -3.33 12.25
CA ASP A 452 -11.64 -4.47 11.44
C ASP A 452 -11.49 -4.17 9.95
N ARG A 453 -11.90 -2.98 9.55
CA ARG A 453 -11.84 -2.54 8.17
C ARG A 453 -10.40 -2.49 7.66
N ILE A 454 -9.48 -2.01 8.49
CA ILE A 454 -8.06 -1.93 8.12
C ILE A 454 -7.51 -3.30 7.71
N PHE A 455 -7.74 -4.31 8.55
CA PHE A 455 -7.18 -5.64 8.33
C PHE A 455 -7.99 -6.51 7.38
N SER A 456 -9.23 -6.11 7.12
CA SER A 456 -10.10 -6.86 6.22
C SER A 456 -9.64 -6.76 4.76
N ARG A 457 -8.93 -5.67 4.43
CA ARG A 457 -8.41 -5.50 3.07
C ARG A 457 -6.99 -6.06 2.87
N PHE A 458 -6.47 -6.73 3.89
CA PHE A 458 -5.24 -7.53 3.78
C PHE A 458 -5.60 -8.85 3.11
N CYS A 459 -4.63 -9.48 2.46
CA CYS A 459 -4.85 -10.81 1.89
C CYS A 459 -4.62 -11.90 2.95
N ILE A 460 -5.02 -13.13 2.64
CA ILE A 460 -4.93 -14.22 3.60
C ILE A 460 -3.49 -14.68 3.78
N GLY A 461 -3.14 -15.06 5.01
CA GLY A 461 -1.76 -15.41 5.37
C GLY A 461 -1.00 -14.24 5.95
N LYS A 462 -1.49 -13.03 5.67
CA LYS A 462 -0.87 -11.79 6.10
C LYS A 462 -1.35 -11.39 7.48
#